data_2AEW
#
_entry.id   2AEW
#
_cell.length_a   99.720
_cell.length_b   112.167
_cell.length_c   93.160
_cell.angle_alpha   90.00
_cell.angle_beta   90.00
_cell.angle_gamma   90.00
#
_symmetry.space_group_name_H-M   'C 2 2 21'
#
loop_
_entity.id
_entity.type
_entity.pdbx_description
1 polymer 'Growth hormone receptor'
2 water water
#
_entity_poly.entity_id   1
_entity_poly.type   'polypeptide(L)'
_entity_poly.pdbx_seq_one_letter_code
;SSKEPKFTKCRSPERETFSCHWTDEVHHGTKNLGPIQLFYTRRNTQEWTQEWKECPDYVSAGENSCYFNSSFTSIWIPYC
IKLTSNGGTVDEKCFSVDEIVQPDPPIALNWTLLNVSLTGIHADIQVRWEAPRNADIQKGWMVLEYELQYKEVNETKWKM
MDPILTTSVPVYSLKVDKEYEVRVRSKQRNSGNYGEFSEVLYVTL
;
_entity_poly.pdbx_strand_id   A,B
#
# COMPACT_ATOMS: atom_id res chain seq x y z
N SER A 1 28.99 -2.58 20.32
CA SER A 1 28.27 -3.90 20.47
C SER A 1 26.75 -3.73 20.40
N SER A 2 26.00 -4.52 21.16
CA SER A 2 24.56 -4.41 21.14
C SER A 2 23.88 -5.08 22.31
N LYS A 3 23.93 -6.38 22.35
CA LYS A 3 23.25 -6.98 23.47
C LYS A 3 22.21 -7.86 22.82
N GLU A 4 21.11 -8.09 23.51
CA GLU A 4 20.05 -8.94 22.99
C GLU A 4 18.64 -8.35 23.05
N PRO A 5 18.43 -7.20 22.37
CA PRO A 5 17.09 -6.59 22.38
C PRO A 5 16.21 -7.26 21.33
N LYS A 6 14.91 -7.32 21.55
CA LYS A 6 14.01 -7.96 20.57
C LYS A 6 12.65 -7.26 20.49
N PHE A 7 11.98 -7.38 19.34
CA PHE A 7 10.66 -6.77 19.20
C PHE A 7 9.69 -7.48 20.11
N THR A 8 8.77 -6.72 20.70
CA THR A 8 7.75 -7.30 21.56
C THR A 8 6.43 -7.29 20.79
N LYS A 9 5.97 -6.09 20.43
CA LYS A 9 4.70 -5.99 19.70
C LYS A 9 4.61 -4.76 18.80
N CYS A 10 3.82 -4.88 17.74
CA CYS A 10 3.55 -3.77 16.84
C CYS A 10 2.02 -3.72 16.95
N ARG A 11 1.46 -2.52 17.09
CA ARG A 11 0.03 -2.42 17.27
C ARG A 11 -0.62 -1.25 16.56
N SER A 12 -1.77 -1.51 15.96
CA SER A 12 -2.54 -0.47 15.29
C SER A 12 -3.84 -0.35 16.06
N PRO A 13 -4.10 0.81 16.63
CA PRO A 13 -5.31 1.04 17.41
C PRO A 13 -6.56 1.31 16.60
N GLU A 14 -6.39 1.73 15.35
CA GLU A 14 -7.56 2.07 14.56
C GLU A 14 -7.34 1.85 13.07
N ARG A 15 -6.30 1.10 12.74
CA ARG A 15 -5.95 0.81 11.35
C ARG A 15 -5.53 2.05 10.55
N GLU A 16 -5.15 3.11 11.26
CA GLU A 16 -4.71 4.36 10.61
C GLU A 16 -3.26 4.67 10.96
N THR A 17 -2.87 4.27 12.16
CA THR A 17 -1.52 4.51 12.65
C THR A 17 -1.11 3.29 13.41
N PHE A 18 0.17 3.18 13.73
CA PHE A 18 0.66 2.06 14.52
C PHE A 18 2.02 2.37 15.05
N SER A 19 2.47 1.57 16.01
CA SER A 19 3.78 1.77 16.59
C SER A 19 4.36 0.41 16.89
N CYS A 20 5.67 0.29 16.93
CA CYS A 20 6.24 -0.98 17.25
C CYS A 20 7.05 -0.86 18.53
N HIS A 21 7.15 -1.94 19.29
CA HIS A 21 7.88 -1.87 20.55
C HIS A 21 8.91 -2.99 20.72
N TRP A 22 9.94 -2.71 21.51
CA TRP A 22 10.99 -3.68 21.76
C TRP A 22 11.54 -3.58 23.19
N THR A 23 12.55 -4.40 23.49
CA THR A 23 13.16 -4.39 24.82
C THR A 23 14.49 -3.64 24.81
N ASP A 24 15.11 -3.53 25.98
CA ASP A 24 16.39 -2.84 26.12
C ASP A 24 17.59 -3.72 25.78
N GLU A 25 18.67 -3.08 25.34
CA GLU A 25 19.89 -3.80 25.04
C GLU A 25 20.63 -3.82 26.37
N VAL A 26 20.49 -4.91 27.10
CA VAL A 26 21.14 -5.05 28.40
C VAL A 26 22.03 -6.28 28.47
N ASN A 32 20.84 -0.83 30.10
CA ASN A 32 20.72 -0.11 28.84
C ASN A 32 22.09 0.16 28.22
N LEU A 33 22.15 0.20 26.89
CA LEU A 33 23.40 0.41 26.16
C LEU A 33 23.48 1.70 25.34
N GLY A 34 22.39 2.10 24.70
CA GLY A 34 22.40 3.36 23.96
C GLY A 34 22.44 3.48 22.44
N PRO A 35 22.99 2.52 21.68
CA PRO A 35 23.00 2.73 20.22
C PRO A 35 21.96 1.86 19.48
N ILE A 36 20.69 2.04 19.82
CA ILE A 36 19.61 1.28 19.21
C ILE A 36 18.89 2.09 18.13
N GLN A 37 18.37 1.40 17.12
CA GLN A 37 17.65 2.07 16.03
C GLN A 37 16.63 1.12 15.38
N LEU A 38 15.70 1.70 14.64
CA LEU A 38 14.68 0.94 13.95
C LEU A 38 14.72 1.47 12.52
N PHE A 39 14.63 0.56 11.56
CA PHE A 39 14.65 0.94 10.17
C PHE A 39 13.49 0.21 9.54
N TYR A 40 12.87 0.82 8.53
CA TYR A 40 11.75 0.17 7.87
C TYR A 40 11.87 0.32 6.37
N THR A 41 11.09 -0.47 5.64
CA THR A 41 11.08 -0.41 4.19
C THR A 41 9.66 -0.72 3.71
N ARG A 42 9.30 -0.15 2.58
CA ARG A 42 7.99 -0.38 1.98
C ARG A 42 8.20 -1.40 0.89
N ARG A 43 8.46 -2.64 1.27
CA ARG A 43 8.68 -3.69 0.31
C ARG A 43 8.55 -5.07 0.96
N ASN A 44 8.31 -6.09 0.13
CA ASN A 44 8.16 -7.46 0.58
C ASN A 44 7.98 -7.57 2.08
N GLN A 50 14.63 -3.41 -0.14
CA GLN A 50 14.85 -2.21 -0.96
C GLN A 50 15.48 -1.09 -0.14
N GLU A 51 14.84 0.08 -0.16
CA GLU A 51 15.33 1.25 0.57
C GLU A 51 14.94 1.23 2.05
N TRP A 52 15.93 1.25 2.94
CA TRP A 52 15.66 1.26 4.36
C TRP A 52 15.73 2.70 4.87
N LYS A 53 14.74 3.11 5.65
CA LYS A 53 14.70 4.46 6.20
C LYS A 53 14.56 4.37 7.72
N GLU A 54 15.22 5.25 8.46
CA GLU A 54 15.14 5.20 9.92
C GLU A 54 13.76 5.54 10.45
N CYS A 55 13.46 5.04 11.66
CA CYS A 55 12.20 5.29 12.34
C CYS A 55 11.89 6.78 12.29
N PRO A 56 10.68 7.15 11.84
CA PRO A 56 10.32 8.57 11.78
C PRO A 56 9.99 9.26 13.10
N ASP A 57 9.69 8.48 14.13
CA ASP A 57 9.35 9.04 15.44
C ASP A 57 9.69 8.03 16.55
N TYR A 58 10.71 8.34 17.33
CA TYR A 58 11.16 7.47 18.42
C TYR A 58 10.52 7.85 19.75
N VAL A 59 9.75 8.93 19.76
CA VAL A 59 9.15 9.43 21.00
C VAL A 59 7.64 9.32 21.21
N SER A 60 6.84 9.57 20.18
CA SER A 60 5.38 9.50 20.34
C SER A 60 4.79 8.25 21.01
N ALA A 61 5.37 7.08 20.75
CA ALA A 61 4.85 5.85 21.35
C ALA A 61 5.58 5.41 22.60
N GLY A 62 6.39 6.30 23.17
CA GLY A 62 7.08 5.96 24.40
C GLY A 62 8.46 5.34 24.27
N GLU A 63 8.88 4.63 25.32
CA GLU A 63 10.21 4.00 25.33
C GLU A 63 10.37 2.78 24.45
N ASN A 64 11.55 2.68 23.85
CA ASN A 64 11.85 1.57 22.97
C ASN A 64 10.67 1.42 22.03
N SER A 65 10.35 2.49 21.31
CA SER A 65 9.23 2.45 20.38
C SER A 65 9.45 3.29 19.14
N CYS A 66 8.68 2.98 18.12
CA CYS A 66 8.70 3.75 16.89
C CYS A 66 7.23 3.95 16.58
N TYR A 67 6.87 5.18 16.25
CA TYR A 67 5.48 5.51 15.95
C TYR A 67 5.37 5.88 14.49
N PHE A 68 4.38 5.32 13.80
CA PHE A 68 4.18 5.64 12.39
C PHE A 68 2.83 6.31 12.24
N ASN A 69 2.84 7.59 11.84
CA ASN A 69 1.60 8.35 11.68
C ASN A 69 0.73 7.84 10.54
N SER A 70 -0.46 8.43 10.38
CA SER A 70 -1.41 7.98 9.37
C SER A 70 -0.96 8.08 7.90
N SER A 71 0.19 8.67 7.64
CA SER A 71 0.65 8.77 6.27
C SER A 71 1.17 7.39 5.87
N PHE A 72 1.38 6.52 6.87
CA PHE A 72 1.86 5.17 6.58
C PHE A 72 0.76 4.18 6.30
N THR A 73 -0.48 4.62 6.37
CA THR A 73 -1.60 3.73 6.09
C THR A 73 -2.46 4.34 5.00
N SER A 74 -1.82 5.08 4.10
CA SER A 74 -2.51 5.72 3.00
C SER A 74 -3.10 4.64 2.12
N ILE A 75 -2.24 3.74 1.66
CA ILE A 75 -2.62 2.63 0.80
C ILE A 75 -2.20 1.33 1.49
N TRP A 76 -2.69 0.18 1.04
CA TRP A 76 -2.29 -1.07 1.70
C TRP A 76 -0.77 -1.10 1.76
N ILE A 77 -0.29 -1.03 2.99
CA ILE A 77 1.11 -0.91 3.41
C ILE A 77 2.38 -1.79 3.21
N PRO A 78 2.30 -3.11 3.47
CA PRO A 78 3.29 -4.21 3.42
C PRO A 78 4.70 -3.79 3.85
N TYR A 79 4.95 -3.81 5.15
CA TYR A 79 6.25 -3.38 5.65
C TYR A 79 7.14 -4.49 6.20
N CYS A 80 8.33 -4.07 6.58
CA CYS A 80 9.34 -4.92 7.19
C CYS A 80 10.17 -3.92 8.02
N ILE A 81 10.58 -4.31 9.21
CA ILE A 81 11.38 -3.45 10.04
C ILE A 81 12.48 -4.28 10.67
N LYS A 82 13.55 -3.63 11.07
CA LYS A 82 14.62 -4.35 11.72
C LYS A 82 15.22 -3.49 12.81
N LEU A 83 15.51 -4.11 13.95
CA LEU A 83 16.11 -3.43 15.08
C LEU A 83 17.59 -3.36 14.83
N THR A 84 18.20 -2.27 15.24
CA THR A 84 19.63 -2.11 15.04
C THR A 84 20.38 -1.66 16.26
N SER A 85 21.47 -2.36 16.56
CA SER A 85 22.30 -1.99 17.69
C SER A 85 23.66 -1.65 17.08
N ASN A 86 23.95 -0.35 17.06
CA ASN A 86 25.19 0.19 16.49
C ASN A 86 25.12 0.25 14.96
N GLY A 87 24.65 -0.84 14.36
CA GLY A 87 24.52 -0.90 12.91
C GLY A 87 24.12 -2.30 12.49
N GLY A 88 24.27 -3.26 13.39
CA GLY A 88 23.93 -4.63 13.08
C GLY A 88 22.50 -5.01 13.45
N THR A 89 21.84 -5.71 12.54
CA THR A 89 20.47 -6.15 12.76
C THR A 89 20.45 -6.99 14.03
N VAL A 90 19.35 -6.96 14.77
CA VAL A 90 19.26 -7.74 15.99
C VAL A 90 17.90 -8.39 16.06
N ASP A 91 17.02 -7.92 15.19
CA ASP A 91 15.68 -8.46 15.12
C ASP A 91 15.00 -7.88 13.89
N GLU A 92 14.12 -8.66 13.27
CA GLU A 92 13.39 -8.17 12.11
C GLU A 92 11.97 -8.71 12.14
N LYS A 93 11.08 -8.08 11.38
CA LYS A 93 9.68 -8.45 11.37
C LYS A 93 9.02 -7.80 10.16
N CYS A 94 8.13 -8.52 9.49
CA CYS A 94 7.41 -7.95 8.36
C CYS A 94 5.94 -8.07 8.66
N PHE A 95 5.14 -7.11 8.21
CA PHE A 95 3.70 -7.12 8.50
C PHE A 95 2.96 -6.00 7.77
N SER A 96 1.64 -6.12 7.73
CA SER A 96 0.79 -5.12 7.11
C SER A 96 -0.03 -4.58 8.29
N VAL A 97 -0.59 -3.40 8.16
CA VAL A 97 -1.37 -2.82 9.25
C VAL A 97 -2.62 -3.62 9.63
N ASP A 98 -3.13 -4.41 8.69
CA ASP A 98 -4.34 -5.23 8.96
C ASP A 98 -4.06 -6.32 9.99
N GLU A 99 -2.93 -7.01 9.83
CA GLU A 99 -2.57 -8.09 10.74
C GLU A 99 -2.33 -7.62 12.17
N ILE A 100 -2.11 -6.34 12.38
CA ILE A 100 -1.84 -5.87 13.74
C ILE A 100 -2.91 -5.01 14.40
N VAL A 101 -4.05 -4.82 13.75
CA VAL A 101 -5.10 -4.02 14.34
C VAL A 101 -5.50 -4.64 15.66
N GLN A 102 -5.63 -3.79 16.67
CA GLN A 102 -5.98 -4.23 18.01
C GLN A 102 -6.61 -3.06 18.76
N PRO A 103 -7.92 -2.85 18.59
CA PRO A 103 -8.72 -1.78 19.19
C PRO A 103 -8.53 -1.54 20.69
N ASP A 104 -8.84 -0.32 21.13
CA ASP A 104 -8.76 0.02 22.54
C ASP A 104 -10.08 -0.43 23.13
N PRO A 105 -10.05 -0.88 24.40
CA PRO A 105 -11.24 -1.37 25.11
C PRO A 105 -12.27 -0.30 25.39
N PRO A 106 -13.49 -0.70 25.77
CA PRO A 106 -14.54 0.28 26.08
C PRO A 106 -14.23 0.83 27.46
N ILE A 107 -14.89 1.91 27.83
CA ILE A 107 -14.69 2.52 29.13
C ILE A 107 -16.06 2.88 29.71
N ALA A 108 -16.09 3.19 31.01
CA ALA A 108 -17.32 3.57 31.70
C ALA A 108 -18.39 2.46 31.71
N LEU A 109 -17.99 1.28 32.16
CA LEU A 109 -18.91 0.15 32.25
C LEU A 109 -19.94 0.39 33.36
N ASN A 110 -21.20 0.21 33.01
CA ASN A 110 -22.34 0.40 33.91
C ASN A 110 -23.25 -0.82 33.82
N TRP A 111 -24.18 -0.93 34.75
CA TRP A 111 -25.15 -2.01 34.71
C TRP A 111 -26.38 -1.64 35.54
N THR A 112 -27.55 -1.96 35.02
CA THR A 112 -28.80 -1.71 35.72
C THR A 112 -29.53 -3.03 35.80
N LEU A 113 -30.42 -3.16 36.78
CA LEU A 113 -31.19 -4.38 36.95
C LEU A 113 -32.31 -4.24 35.92
N LEU A 114 -32.68 -5.34 35.28
CA LEU A 114 -33.73 -5.30 34.27
C LEU A 114 -34.98 -6.04 34.71
N ASN A 115 -34.81 -7.12 35.45
CA ASN A 115 -35.95 -7.90 35.90
C ASN A 115 -35.51 -9.00 36.85
N VAL A 116 -36.43 -9.45 37.68
CA VAL A 116 -36.15 -10.53 38.62
C VAL A 116 -37.15 -11.62 38.31
N SER A 117 -36.72 -12.88 38.30
CA SER A 117 -37.62 -13.98 37.99
C SER A 117 -38.70 -14.13 39.06
N LEU A 118 -39.77 -14.82 38.71
CA LEU A 118 -40.88 -15.04 39.63
C LEU A 118 -40.42 -15.63 40.97
N THR A 119 -39.39 -16.49 40.92
CA THR A 119 -38.87 -17.10 42.14
C THR A 119 -37.80 -16.28 42.87
N GLY A 120 -37.40 -15.15 42.27
CA GLY A 120 -36.37 -14.30 42.86
C GLY A 120 -34.97 -14.91 42.81
N ILE A 121 -34.88 -16.14 42.34
CA ILE A 121 -33.60 -16.86 42.23
C ILE A 121 -32.66 -16.25 41.18
N HIS A 122 -33.25 -15.84 40.05
CA HIS A 122 -32.50 -15.27 38.94
C HIS A 122 -32.81 -13.80 38.63
N ALA A 123 -31.92 -13.14 37.89
CA ALA A 123 -32.11 -11.76 37.51
C ALA A 123 -31.47 -11.47 36.16
N ASP A 124 -32.03 -10.46 35.48
CA ASP A 124 -31.52 -10.04 34.19
C ASP A 124 -31.00 -8.64 34.35
N ILE A 125 -29.84 -8.38 33.76
CA ILE A 125 -29.27 -7.05 33.80
C ILE A 125 -28.93 -6.62 32.40
N GLN A 126 -28.43 -5.39 32.32
CA GLN A 126 -28.00 -4.80 31.07
C GLN A 126 -26.66 -4.15 31.38
N VAL A 127 -25.59 -4.62 30.77
CA VAL A 127 -24.29 -3.98 30.99
C VAL A 127 -24.08 -2.91 29.91
N ARG A 128 -23.62 -1.72 30.28
CA ARG A 128 -23.36 -0.71 29.26
C ARG A 128 -21.95 -0.14 29.35
N TRP A 129 -21.49 0.42 28.23
CA TRP A 129 -20.16 1.00 28.17
C TRP A 129 -20.05 1.99 27.03
N GLU A 130 -18.95 2.73 27.06
CA GLU A 130 -18.66 3.73 26.04
C GLU A 130 -17.57 3.17 25.14
N ALA A 131 -17.70 3.46 23.85
CA ALA A 131 -16.72 3.02 22.87
C ALA A 131 -15.44 3.79 23.12
N PRO A 132 -14.28 3.15 22.87
CA PRO A 132 -13.02 3.88 23.09
C PRO A 132 -13.14 5.22 22.37
N ARG A 133 -12.60 6.29 22.96
CA ARG A 133 -12.71 7.63 22.36
C ARG A 133 -12.10 7.82 20.99
N ASN A 134 -11.33 6.85 20.50
CA ASN A 134 -10.72 6.97 19.18
C ASN A 134 -11.50 6.21 18.09
N ALA A 135 -12.83 6.24 18.19
CA ALA A 135 -13.69 5.56 17.22
C ALA A 135 -14.93 6.39 16.86
N MET A 142 -13.44 1.63 10.24
CA MET A 142 -13.31 0.57 11.25
C MET A 142 -14.43 0.59 12.26
N VAL A 143 -15.43 -0.27 12.07
CA VAL A 143 -16.55 -0.35 13.00
C VAL A 143 -16.29 -1.47 14.01
N LEU A 144 -16.42 -1.15 15.29
CA LEU A 144 -16.15 -2.13 16.34
C LEU A 144 -17.36 -2.90 16.81
N GLU A 145 -17.11 -4.15 17.22
CA GLU A 145 -18.14 -5.00 17.80
C GLU A 145 -17.48 -5.46 19.09
N TYR A 146 -18.24 -5.53 20.17
CA TYR A 146 -17.67 -5.90 21.46
C TYR A 146 -18.00 -7.30 21.89
N GLU A 147 -17.11 -7.90 22.67
CA GLU A 147 -17.33 -9.23 23.20
C GLU A 147 -17.36 -9.09 24.72
N LEU A 148 -18.54 -9.30 25.32
CA LEU A 148 -18.66 -9.18 26.76
C LEU A 148 -18.36 -10.51 27.40
N GLN A 149 -17.70 -10.48 28.54
CA GLN A 149 -17.36 -11.71 29.23
C GLN A 149 -17.70 -11.61 30.70
N TYR A 150 -18.09 -12.74 31.30
CA TYR A 150 -18.41 -12.74 32.72
C TYR A 150 -18.32 -14.13 33.33
N LYS A 151 -18.30 -14.17 34.66
CA LYS A 151 -18.22 -15.41 35.39
C LYS A 151 -18.36 -15.14 36.88
N GLU A 152 -18.66 -16.19 37.63
CA GLU A 152 -18.78 -16.12 39.07
C GLU A 152 -17.40 -15.63 39.53
N VAL A 153 -17.34 -14.77 40.53
CA VAL A 153 -16.06 -14.29 41.02
C VAL A 153 -15.20 -15.46 41.45
N ASN A 154 -15.75 -16.29 42.33
CA ASN A 154 -15.04 -17.46 42.84
C ASN A 154 -14.74 -18.53 41.80
N GLU A 155 -15.24 -18.37 40.58
CA GLU A 155 -15.00 -19.35 39.51
C GLU A 155 -13.74 -19.04 38.71
N THR A 156 -13.43 -19.89 37.73
CA THR A 156 -12.22 -19.71 36.93
C THR A 156 -12.37 -19.63 35.41
N LYS A 157 -13.53 -20.01 34.88
CA LYS A 157 -13.74 -19.95 33.43
C LYS A 157 -14.62 -18.76 33.13
N TRP A 158 -14.36 -18.08 32.02
CA TRP A 158 -15.17 -16.91 31.67
C TRP A 158 -16.23 -17.25 30.64
N LYS A 159 -17.47 -16.92 30.93
CA LYS A 159 -18.53 -17.16 29.97
C LYS A 159 -18.35 -16.05 28.95
N MET A 160 -18.59 -16.34 27.68
CA MET A 160 -18.42 -15.36 26.62
C MET A 160 -19.67 -15.17 25.80
N MET A 161 -19.89 -13.95 25.33
CA MET A 161 -21.06 -13.69 24.53
C MET A 161 -20.65 -13.36 23.11
N ASP A 162 -21.60 -13.45 22.19
CA ASP A 162 -21.28 -13.15 20.81
C ASP A 162 -20.95 -11.67 20.67
N PRO A 163 -20.07 -11.34 19.73
CA PRO A 163 -19.71 -9.93 19.55
C PRO A 163 -20.97 -9.16 19.19
N ILE A 164 -21.15 -7.98 19.79
CA ILE A 164 -22.32 -7.15 19.55
C ILE A 164 -21.86 -5.76 19.10
N LEU A 165 -22.71 -5.07 18.32
CA LEU A 165 -22.38 -3.74 17.79
C LEU A 165 -22.76 -2.60 18.70
N THR A 166 -23.78 -2.82 19.52
CA THR A 166 -24.26 -1.81 20.44
C THR A 166 -23.30 -1.61 21.60
N THR A 167 -23.35 -0.44 22.23
CA THR A 167 -22.47 -0.20 23.36
C THR A 167 -23.12 -0.67 24.65
N SER A 168 -23.99 -1.67 24.53
CA SER A 168 -24.66 -2.22 25.69
C SER A 168 -25.13 -3.62 25.33
N VAL A 169 -25.53 -4.39 26.33
CA VAL A 169 -26.00 -5.73 26.05
C VAL A 169 -26.68 -6.33 27.27
N PRO A 170 -27.82 -7.00 27.05
CA PRO A 170 -28.47 -7.57 28.22
C PRO A 170 -27.81 -8.92 28.55
N VAL A 171 -27.70 -9.21 29.84
CA VAL A 171 -27.13 -10.47 30.30
C VAL A 171 -28.25 -11.10 31.11
N TYR A 172 -28.72 -12.24 30.62
CA TYR A 172 -29.84 -12.93 31.24
C TYR A 172 -29.51 -14.05 32.22
N SER A 173 -30.41 -14.23 33.18
CA SER A 173 -30.33 -15.28 34.17
C SER A 173 -29.08 -15.38 35.00
N LEU A 174 -28.70 -14.31 35.66
CA LEU A 174 -27.55 -14.38 36.54
C LEU A 174 -28.19 -14.88 37.83
N LYS A 175 -27.47 -15.67 38.60
CA LYS A 175 -27.99 -16.17 39.85
C LYS A 175 -27.85 -15.04 40.87
N VAL A 176 -28.95 -14.72 41.55
CA VAL A 176 -29.00 -13.66 42.56
C VAL A 176 -28.02 -13.87 43.69
N ASP A 177 -27.82 -15.13 44.03
CA ASP A 177 -26.95 -15.58 45.11
C ASP A 177 -25.45 -15.32 44.92
N LYS A 178 -25.02 -14.95 43.72
CA LYS A 178 -23.60 -14.76 43.44
C LYS A 178 -23.13 -13.36 43.09
N GLU A 179 -21.83 -13.13 43.24
CA GLU A 179 -21.18 -11.85 42.91
C GLU A 179 -20.47 -12.08 41.58
N TYR A 180 -20.75 -11.24 40.59
CA TYR A 180 -20.14 -11.42 39.28
C TYR A 180 -19.10 -10.41 38.82
N GLU A 181 -18.30 -10.85 37.85
CA GLU A 181 -17.25 -10.04 37.26
C GLU A 181 -17.54 -9.88 35.77
N VAL A 182 -17.43 -8.64 35.30
CA VAL A 182 -17.68 -8.34 33.88
C VAL A 182 -16.49 -7.63 33.25
N ARG A 183 -16.24 -7.92 31.97
CA ARG A 183 -15.13 -7.32 31.23
C ARG A 183 -15.49 -7.34 29.75
N VAL A 184 -15.24 -6.24 29.03
CA VAL A 184 -15.53 -6.19 27.61
C VAL A 184 -14.30 -5.81 26.81
N ARG A 185 -14.04 -6.52 25.71
CA ARG A 185 -12.88 -6.25 24.84
C ARG A 185 -13.37 -5.79 23.46
N SER A 186 -12.60 -4.95 22.78
CA SER A 186 -12.99 -4.45 21.46
C SER A 186 -12.43 -5.27 20.31
N LYS A 187 -13.16 -5.28 19.20
CA LYS A 187 -12.74 -6.03 18.03
C LYS A 187 -13.23 -5.39 16.74
N GLN A 188 -12.39 -5.44 15.70
CA GLN A 188 -12.72 -4.87 14.40
C GLN A 188 -13.77 -5.76 13.74
N ARG A 189 -14.83 -5.16 13.21
CA ARG A 189 -15.88 -5.94 12.56
C ARG A 189 -15.23 -6.77 11.46
N ASN A 190 -15.60 -8.04 11.39
CA ASN A 190 -15.07 -9.01 10.41
C ASN A 190 -13.78 -9.55 11.00
N SER A 191 -12.86 -9.93 10.11
CA SER A 191 -11.59 -10.44 10.58
C SER A 191 -10.99 -9.29 11.36
N GLY A 192 -10.88 -9.49 12.66
CA GLY A 192 -10.31 -8.45 13.49
C GLY A 192 -9.68 -9.15 14.66
N ASN A 193 -8.58 -8.62 15.12
CA ASN A 193 -7.94 -9.23 16.26
C ASN A 193 -8.64 -8.52 17.41
N TYR A 194 -8.55 -9.08 18.60
CA TYR A 194 -9.18 -8.46 19.75
C TYR A 194 -8.14 -7.58 20.41
N GLY A 195 -8.59 -6.65 21.23
CA GLY A 195 -7.67 -5.77 21.92
C GLY A 195 -7.73 -6.09 23.40
N GLU A 196 -7.10 -5.27 24.22
CA GLU A 196 -7.10 -5.48 25.66
C GLU A 196 -8.50 -5.42 26.24
N PHE A 197 -8.68 -6.02 27.42
CA PHE A 197 -9.95 -6.00 28.11
C PHE A 197 -10.12 -4.70 28.85
N SER A 198 -11.37 -4.34 29.10
CA SER A 198 -11.69 -3.13 29.82
C SER A 198 -11.42 -3.37 31.29
N GLU A 199 -11.66 -2.34 32.10
CA GLU A 199 -11.51 -2.45 33.54
C GLU A 199 -12.64 -3.40 33.99
N VAL A 200 -12.32 -4.34 34.86
CA VAL A 200 -13.34 -5.26 35.31
C VAL A 200 -14.43 -4.49 36.07
N LEU A 201 -15.67 -4.85 35.80
CA LEU A 201 -16.85 -4.25 36.43
C LEU A 201 -17.39 -5.35 37.35
N TYR A 202 -17.68 -5.01 38.59
CA TYR A 202 -18.19 -6.00 39.52
C TYR A 202 -19.69 -5.91 39.64
N VAL A 203 -20.35 -7.07 39.60
CA VAL A 203 -21.80 -7.12 39.70
C VAL A 203 -22.28 -7.96 40.89
N THR A 204 -22.88 -7.29 41.87
CA THR A 204 -23.41 -7.98 43.04
C THR A 204 -24.93 -7.84 43.06
N LEU A 205 -25.65 -8.95 42.96
CA LEU A 205 -27.11 -8.89 42.96
C LEU A 205 -27.67 -8.86 44.39
N LYS B 3 -23.37 12.32 -18.15
CA LYS B 3 -24.30 11.56 -18.94
C LYS B 3 -23.76 10.24 -19.45
N GLU B 4 -22.48 10.14 -19.86
CA GLU B 4 -21.97 8.86 -20.41
C GLU B 4 -20.44 8.68 -20.71
N PRO B 5 -19.54 9.13 -19.81
CA PRO B 5 -18.10 8.98 -20.09
C PRO B 5 -17.46 7.60 -19.90
N LYS B 6 -16.25 7.43 -20.44
CA LYS B 6 -15.53 6.16 -20.34
C LYS B 6 -14.03 6.39 -20.11
N PHE B 7 -13.35 5.37 -19.57
CA PHE B 7 -11.92 5.44 -19.31
C PHE B 7 -11.15 5.39 -20.61
N THR B 8 -10.28 6.35 -20.84
CA THR B 8 -9.48 6.33 -22.06
C THR B 8 -8.19 5.58 -21.77
N LYS B 9 -7.59 5.85 -20.62
CA LYS B 9 -6.33 5.19 -20.29
C LYS B 9 -5.89 5.38 -18.84
N CYS B 10 -5.19 4.37 -18.31
CA CYS B 10 -4.62 4.43 -16.97
C CYS B 10 -3.17 4.03 -17.21
N ARG B 11 -2.23 4.76 -16.64
CA ARG B 11 -0.83 4.45 -16.86
C ARG B 11 0.11 4.80 -15.72
N SER B 12 1.10 3.93 -15.50
CA SER B 12 2.11 4.17 -14.50
C SER B 12 3.34 4.53 -15.30
N PRO B 13 3.85 5.75 -15.14
CA PRO B 13 5.04 6.04 -15.95
C PRO B 13 6.30 5.46 -15.34
N GLU B 14 6.36 5.35 -14.02
CA GLU B 14 7.57 4.83 -13.41
C GLU B 14 7.41 3.75 -12.36
N ARG B 15 6.27 3.08 -12.36
CA ARG B 15 5.97 2.01 -11.40
C ARG B 15 5.87 2.50 -9.95
N GLU B 16 5.80 3.82 -9.79
CA GLU B 16 5.67 4.46 -8.47
C GLU B 16 4.38 5.29 -8.41
N THR B 17 3.96 5.79 -9.56
CA THR B 17 2.73 6.58 -9.65
C THR B 17 2.01 6.18 -10.92
N PHE B 18 0.74 6.55 -11.00
CA PHE B 18 -0.07 6.29 -12.19
C PHE B 18 -1.26 7.21 -12.15
N SER B 19 -1.86 7.43 -13.30
CA SER B 19 -3.04 8.28 -13.38
C SER B 19 -4.01 7.59 -14.30
N CYS B 20 -5.28 7.94 -14.19
CA CYS B 20 -6.31 7.35 -15.04
C CYS B 20 -7.05 8.48 -15.73
N HIS B 21 -7.38 8.29 -16.99
CA HIS B 21 -8.07 9.34 -17.75
C HIS B 21 -9.40 8.88 -18.35
N TRP B 22 -10.29 9.83 -18.60
CA TRP B 22 -11.60 9.51 -19.19
C TRP B 22 -12.13 10.61 -20.12
N THR B 23 -13.25 10.32 -20.79
CA THR B 23 -13.87 11.28 -21.71
C THR B 23 -14.94 12.08 -20.99
N ASP B 24 -15.50 13.07 -21.69
CA ASP B 24 -16.56 13.93 -21.15
C ASP B 24 -17.89 13.17 -21.12
N GLY B 34 -23.68 16.44 -15.56
CA GLY B 34 -23.37 15.66 -14.36
C GLY B 34 -21.90 15.75 -13.96
N PRO B 35 -21.60 15.55 -12.67
CA PRO B 35 -20.24 15.60 -12.13
C PRO B 35 -19.57 14.21 -12.23
N ILE B 36 -18.41 14.16 -12.87
CA ILE B 36 -17.72 12.88 -13.01
C ILE B 36 -16.85 12.64 -11.79
N GLN B 37 -16.79 11.39 -11.33
CA GLN B 37 -15.99 11.05 -10.15
C GLN B 37 -15.38 9.65 -10.26
N LEU B 38 -14.21 9.47 -9.65
CA LEU B 38 -13.54 8.19 -9.69
C LEU B 38 -13.43 7.68 -8.27
N PHE B 39 -13.72 6.40 -8.07
CA PHE B 39 -13.61 5.79 -6.76
C PHE B 39 -12.74 4.57 -7.00
N TYR B 40 -11.96 4.16 -6.01
CA TYR B 40 -11.11 2.98 -6.16
C TYR B 40 -11.18 2.13 -4.91
N THR B 41 -10.64 0.93 -5.01
CA THR B 41 -10.61 0.01 -3.88
C THR B 41 -9.55 -1.04 -4.13
N ARG B 42 -9.04 -1.60 -3.04
CA ARG B 42 -8.05 -2.67 -3.14
C ARG B 42 -8.89 -3.93 -3.41
N ARG B 43 -8.30 -5.11 -3.27
CA ARG B 43 -9.03 -6.34 -3.52
C ARG B 43 -8.39 -7.47 -2.73
N GLN B 50 -14.48 -3.75 -1.03
CA GLN B 50 -15.20 -3.59 0.24
C GLN B 50 -15.15 -2.15 0.72
N GLU B 51 -13.94 -1.59 0.81
CA GLU B 51 -13.77 -0.21 1.26
C GLU B 51 -13.35 0.74 0.13
N TRP B 52 -14.31 1.41 -0.46
CA TRP B 52 -14.01 2.33 -1.56
C TRP B 52 -13.69 3.71 -1.05
N LYS B 53 -12.78 4.40 -1.72
CA LYS B 53 -12.41 5.75 -1.35
C LYS B 53 -12.47 6.54 -2.65
N GLU B 54 -12.59 7.86 -2.55
CA GLU B 54 -12.67 8.67 -3.76
C GLU B 54 -11.31 8.99 -4.34
N CYS B 55 -11.29 9.33 -5.63
CA CYS B 55 -10.05 9.66 -6.30
C CYS B 55 -9.27 10.56 -5.34
N PRO B 56 -7.96 10.40 -5.27
CA PRO B 56 -7.22 11.26 -4.34
C PRO B 56 -6.75 12.59 -4.91
N ASP B 57 -6.71 12.71 -6.22
CA ASP B 57 -6.23 13.93 -6.84
C ASP B 57 -6.88 14.10 -8.21
N TYR B 58 -7.79 15.06 -8.30
CA TYR B 58 -8.51 15.34 -9.54
C TYR B 58 -7.86 16.45 -10.35
N VAL B 59 -6.69 16.91 -9.93
CA VAL B 59 -6.06 18.00 -10.66
C VAL B 59 -4.65 17.78 -11.20
N SER B 60 -3.73 17.31 -10.35
CA SER B 60 -2.34 17.10 -10.76
C SER B 60 -2.12 16.52 -12.15
N ALA B 61 -3.06 15.71 -12.65
CA ALA B 61 -2.89 15.08 -13.97
C ALA B 61 -3.71 15.69 -15.11
N GLY B 62 -4.24 16.89 -14.91
CA GLY B 62 -5.03 17.52 -15.96
C GLY B 62 -6.52 17.34 -15.75
N GLU B 63 -7.32 17.82 -16.68
CA GLU B 63 -8.77 17.68 -16.57
C GLU B 63 -9.18 16.25 -16.94
N ASN B 64 -10.26 15.78 -16.34
CA ASN B 64 -10.74 14.43 -16.60
C ASN B 64 -9.63 13.42 -16.31
N SER B 65 -9.11 13.47 -15.09
CA SER B 65 -8.05 12.54 -14.74
C SER B 65 -7.96 12.36 -13.24
N CYS B 66 -7.34 11.27 -12.82
CA CYS B 66 -7.14 11.02 -11.40
C CYS B 66 -5.69 10.61 -11.23
N TYR B 67 -4.96 11.33 -10.38
CA TYR B 67 -3.55 11.06 -10.15
C TYR B 67 -3.33 10.37 -8.82
N PHE B 68 -2.62 9.26 -8.87
CA PHE B 68 -2.30 8.47 -7.69
C PHE B 68 -0.81 8.62 -7.45
N ASN B 69 -0.43 9.45 -6.47
CA ASN B 69 0.99 9.64 -6.21
C ASN B 69 1.56 8.43 -5.49
N SER B 70 2.84 8.52 -5.13
CA SER B 70 3.53 7.45 -4.45
C SER B 70 2.81 6.94 -3.20
N SER B 71 2.08 7.81 -2.52
CA SER B 71 1.36 7.44 -1.30
C SER B 71 0.14 6.53 -1.56
N PHE B 72 -0.48 6.65 -2.74
CA PHE B 72 -1.63 5.81 -3.02
C PHE B 72 -1.35 4.74 -4.06
N THR B 73 -0.07 4.49 -4.33
CA THR B 73 0.33 3.49 -5.31
C THR B 73 1.16 2.36 -4.72
N SER B 74 0.67 1.14 -4.88
CA SER B 74 1.37 -0.06 -4.41
C SER B 74 1.30 -1.13 -5.51
N ILE B 75 2.40 -1.80 -5.76
CA ILE B 75 2.44 -2.85 -6.78
C ILE B 75 1.90 -4.13 -6.16
N TRP B 76 1.74 -4.09 -4.84
CA TRP B 76 1.26 -5.24 -4.07
C TRP B 76 -0.26 -5.46 -4.03
N ILE B 77 -1.03 -4.75 -4.86
CA ILE B 77 -2.47 -4.93 -4.85
C ILE B 77 -3.19 -4.65 -6.15
N PRO B 78 -4.17 -5.49 -6.48
CA PRO B 78 -4.91 -5.28 -7.72
C PRO B 78 -5.91 -4.17 -7.43
N TYR B 79 -6.03 -3.22 -8.34
CA TYR B 79 -6.96 -2.11 -8.15
C TYR B 79 -8.21 -2.26 -9.00
N CYS B 80 -9.34 -1.78 -8.49
CA CYS B 80 -10.56 -1.77 -9.28
C CYS B 80 -11.07 -0.34 -9.10
N ILE B 81 -11.37 0.32 -10.22
CA ILE B 81 -11.87 1.69 -10.18
C ILE B 81 -13.17 1.77 -10.96
N LYS B 82 -14.04 2.70 -10.57
CA LYS B 82 -15.31 2.90 -11.23
C LYS B 82 -15.50 4.39 -11.53
N LEU B 83 -15.89 4.71 -12.75
CA LEU B 83 -16.13 6.09 -13.14
C LEU B 83 -17.55 6.40 -12.70
N THR B 84 -17.81 7.61 -12.26
CA THR B 84 -19.15 7.98 -11.80
C THR B 84 -19.66 9.25 -12.47
N SER B 85 -20.93 9.26 -12.83
CA SER B 85 -21.51 10.47 -13.42
C SER B 85 -22.74 10.79 -12.60
N ASN B 86 -22.67 11.86 -11.82
CA ASN B 86 -23.75 12.27 -10.93
C ASN B 86 -24.12 11.08 -10.04
N GLY B 87 -23.10 10.35 -9.59
CA GLY B 87 -23.31 9.22 -8.69
C GLY B 87 -23.60 7.86 -9.29
N GLY B 88 -23.84 7.80 -10.60
CA GLY B 88 -24.14 6.53 -11.24
C GLY B 88 -22.92 5.99 -11.97
N THR B 89 -22.64 4.70 -11.77
CA THR B 89 -21.49 4.06 -12.42
C THR B 89 -21.62 4.08 -13.94
N VAL B 90 -20.52 4.39 -14.61
CA VAL B 90 -20.51 4.51 -16.06
C VAL B 90 -19.37 3.72 -16.72
N ASP B 91 -18.43 3.25 -15.92
CA ASP B 91 -17.32 2.45 -16.44
C ASP B 91 -16.60 1.83 -15.28
N GLU B 92 -15.84 0.77 -15.57
CA GLU B 92 -15.10 0.05 -14.55
C GLU B 92 -13.81 -0.50 -15.09
N LYS B 93 -12.85 -0.73 -14.21
CA LYS B 93 -11.56 -1.26 -14.64
C LYS B 93 -10.78 -1.74 -13.44
N CYS B 94 -10.22 -2.94 -13.57
CA CYS B 94 -9.40 -3.49 -12.50
C CYS B 94 -8.03 -3.73 -13.13
N PHE B 95 -6.99 -3.64 -12.32
CA PHE B 95 -5.64 -3.82 -12.84
C PHE B 95 -4.63 -3.72 -11.69
N SER B 96 -3.40 -4.12 -11.96
CA SER B 96 -2.36 -3.98 -10.96
C SER B 96 -1.49 -2.85 -11.51
N VAL B 97 -0.58 -2.32 -10.71
CA VAL B 97 0.27 -1.26 -11.21
C VAL B 97 1.18 -1.77 -12.34
N ASP B 98 1.65 -3.01 -12.24
CA ASP B 98 2.53 -3.52 -13.28
C ASP B 98 1.91 -3.58 -14.67
N GLU B 99 0.70 -4.09 -14.79
CA GLU B 99 0.12 -4.14 -16.11
C GLU B 99 -0.03 -2.76 -16.74
N ILE B 100 -0.31 -1.74 -15.95
CA ILE B 100 -0.44 -0.40 -16.55
C ILE B 100 0.87 0.38 -16.70
N VAL B 101 2.01 -0.24 -16.39
CA VAL B 101 3.30 0.44 -16.54
C VAL B 101 3.67 0.57 -18.00
N GLN B 102 3.91 1.80 -18.42
CA GLN B 102 4.32 2.15 -19.78
C GLN B 102 5.28 3.33 -19.63
N PRO B 103 6.58 3.05 -19.50
CA PRO B 103 7.63 4.05 -19.34
C PRO B 103 7.59 5.12 -20.40
N ASP B 104 8.27 6.22 -20.16
CA ASP B 104 8.35 7.29 -21.13
C ASP B 104 9.49 6.88 -22.07
N PRO B 105 9.59 7.52 -23.25
CA PRO B 105 10.64 7.19 -24.22
C PRO B 105 11.97 7.79 -23.82
N PRO B 106 13.07 7.28 -24.38
CA PRO B 106 14.38 7.82 -24.04
C PRO B 106 14.42 9.20 -24.70
N ILE B 107 15.38 10.03 -24.32
CA ILE B 107 15.49 11.36 -24.89
C ILE B 107 16.92 11.64 -25.34
N ALA B 108 17.10 12.72 -26.09
CA ALA B 108 18.43 13.11 -26.57
C ALA B 108 19.11 12.02 -27.38
N LEU B 109 18.45 11.56 -28.44
CA LEU B 109 18.98 10.51 -29.30
C LEU B 109 20.16 10.94 -30.18
N ASN B 110 21.39 10.61 -29.79
CA ASN B 110 22.54 10.96 -30.61
C ASN B 110 22.97 9.69 -31.35
N TRP B 111 24.10 9.77 -32.03
CA TRP B 111 24.67 8.64 -32.75
C TRP B 111 25.99 9.12 -33.33
N THR B 112 26.86 8.18 -33.67
CA THR B 112 28.16 8.49 -34.24
C THR B 112 28.56 7.39 -35.21
N LEU B 113 29.63 7.63 -35.96
CA LEU B 113 30.10 6.67 -36.95
C LEU B 113 31.21 5.76 -36.43
N LEU B 114 31.11 4.47 -36.76
CA LEU B 114 32.08 3.47 -36.33
C LEU B 114 32.87 2.90 -37.51
N ASN B 115 32.37 1.81 -38.07
CA ASN B 115 33.03 1.14 -39.20
C ASN B 115 32.48 1.61 -40.56
N VAL B 116 33.01 1.01 -41.61
CA VAL B 116 32.62 1.28 -43.00
C VAL B 116 33.10 0.03 -43.70
N SER B 117 32.18 -0.78 -44.21
CA SER B 117 32.57 -2.00 -44.91
C SER B 117 33.66 -1.60 -45.89
N LEU B 118 34.56 -2.53 -46.20
CA LEU B 118 35.65 -2.21 -47.12
C LEU B 118 35.23 -2.00 -48.58
N THR B 119 33.95 -1.72 -48.82
CA THR B 119 33.48 -1.45 -50.17
C THR B 119 33.13 0.03 -50.19
N GLY B 120 32.21 0.41 -49.31
CA GLY B 120 31.78 1.79 -49.23
C GLY B 120 30.28 1.87 -49.28
N ILE B 121 29.64 0.72 -49.44
CA ILE B 121 28.19 0.64 -49.51
C ILE B 121 27.55 0.62 -48.12
N HIS B 122 27.87 -0.41 -47.34
CA HIS B 122 27.31 -0.55 -45.99
C HIS B 122 28.16 0.09 -44.89
N ALA B 123 27.50 0.57 -43.83
CA ALA B 123 28.20 1.22 -42.72
C ALA B 123 27.70 0.79 -41.33
N ASP B 124 28.62 0.80 -40.35
CA ASP B 124 28.28 0.45 -38.98
C ASP B 124 28.19 1.70 -38.10
N ILE B 125 27.16 1.80 -37.26
CA ILE B 125 26.99 2.95 -36.37
C ILE B 125 26.56 2.56 -34.96
N GLN B 126 26.45 3.56 -34.09
CA GLN B 126 26.03 3.37 -32.71
C GLN B 126 25.03 4.47 -32.36
N VAL B 127 23.81 4.08 -31.99
CA VAL B 127 22.79 5.05 -31.62
C VAL B 127 22.83 5.09 -30.11
N ARG B 128 22.71 6.28 -29.52
CA ARG B 128 22.73 6.36 -28.07
C ARG B 128 21.62 7.31 -27.63
N TRP B 129 21.29 7.26 -26.34
CA TRP B 129 20.21 8.08 -25.81
C TRP B 129 20.28 8.13 -24.29
N GLU B 130 19.34 8.88 -23.69
CA GLU B 130 19.25 9.00 -22.25
C GLU B 130 17.97 8.35 -21.78
N ALA B 131 18.02 7.75 -20.59
CA ALA B 131 16.84 7.12 -20.03
C ALA B 131 15.92 8.27 -19.72
N PRO B 132 14.59 8.05 -19.78
CA PRO B 132 13.71 9.18 -19.45
C PRO B 132 14.04 9.67 -18.03
N ARG B 133 13.79 10.95 -17.77
CA ARG B 133 14.14 11.52 -16.47
C ARG B 133 13.64 10.81 -15.22
N ASN B 134 12.43 10.26 -15.25
CA ASN B 134 11.94 9.51 -14.09
C ASN B 134 12.58 8.13 -14.20
N ALA B 135 13.90 8.09 -14.17
CA ALA B 135 14.61 6.84 -14.32
C ALA B 135 15.10 6.10 -13.09
N ASP B 136 14.65 4.85 -12.96
CA ASP B 136 15.05 4.00 -11.86
C ASP B 136 14.61 4.40 -10.47
N ILE B 137 14.40 5.69 -10.26
CA ILE B 137 14.02 6.18 -8.94
C ILE B 137 15.32 6.32 -8.18
N GLN B 138 15.84 5.16 -7.77
CA GLN B 138 17.09 5.11 -7.05
C GLN B 138 17.85 3.94 -7.67
N LYS B 139 17.71 2.77 -7.04
CA LYS B 139 18.36 1.60 -7.56
C LYS B 139 17.58 1.08 -8.76
N GLY B 140 17.12 -0.16 -8.68
CA GLY B 140 16.38 -0.72 -9.79
C GLY B 140 14.94 -1.04 -9.46
N TRP B 141 14.17 -0.05 -9.03
CA TRP B 141 12.78 -0.30 -8.73
C TRP B 141 12.15 -0.70 -10.06
N MET B 142 12.58 0.00 -11.11
CA MET B 142 12.11 -0.28 -12.45
C MET B 142 13.25 -0.21 -13.44
N VAL B 143 13.73 -1.36 -13.90
CA VAL B 143 14.81 -1.34 -14.89
C VAL B 143 14.15 -1.43 -16.26
N LEU B 144 14.61 -0.57 -17.16
CA LEU B 144 14.07 -0.52 -18.50
C LEU B 144 14.95 -1.27 -19.51
N GLU B 145 14.34 -1.60 -20.63
CA GLU B 145 15.04 -2.21 -21.75
C GLU B 145 14.44 -1.46 -22.91
N TYR B 146 15.22 -1.22 -23.94
CA TYR B 146 14.71 -0.45 -25.07
C TYR B 146 14.73 -1.18 -26.39
N GLU B 147 13.68 -0.97 -27.18
CA GLU B 147 13.63 -1.56 -28.50
C GLU B 147 13.83 -0.43 -29.48
N LEU B 148 14.91 -0.50 -30.26
CA LEU B 148 15.19 0.51 -31.25
C LEU B 148 14.57 0.03 -32.55
N GLN B 149 14.01 0.95 -33.31
CA GLN B 149 13.42 0.64 -34.59
C GLN B 149 14.03 1.60 -35.59
N TYR B 150 14.26 1.11 -36.80
CA TYR B 150 14.84 1.93 -37.82
C TYR B 150 14.48 1.43 -39.21
N LYS B 151 14.56 2.31 -40.18
CA LYS B 151 14.28 1.97 -41.57
C LYS B 151 14.66 3.14 -42.45
N GLU B 152 14.66 2.89 -43.75
CA GLU B 152 14.97 3.92 -44.73
C GLU B 152 13.70 4.73 -44.84
N VAL B 153 13.81 6.03 -45.07
CA VAL B 153 12.62 6.87 -45.20
C VAL B 153 11.90 6.40 -46.48
N ASN B 154 11.90 5.09 -46.69
CA ASN B 154 11.30 4.48 -47.88
C ASN B 154 10.34 3.31 -47.64
N GLU B 155 10.88 2.21 -47.14
CA GLU B 155 10.13 0.98 -46.87
C GLU B 155 8.86 1.13 -46.04
N THR B 156 7.96 0.16 -46.19
CA THR B 156 6.73 0.15 -45.44
C THR B 156 7.08 -0.22 -44.00
N LYS B 157 7.48 -1.48 -43.81
CA LYS B 157 7.85 -2.02 -42.51
C LYS B 157 9.08 -1.36 -41.85
N TRP B 158 9.17 -1.51 -40.53
CA TRP B 158 10.29 -0.99 -39.74
C TRP B 158 11.13 -2.17 -39.26
N LYS B 159 12.45 -1.98 -39.16
CA LYS B 159 13.31 -3.04 -38.67
C LYS B 159 13.39 -2.82 -37.16
N MET B 160 13.06 -3.87 -36.42
CA MET B 160 13.04 -3.82 -34.96
C MET B 160 14.12 -4.69 -34.36
N MET B 161 14.99 -4.09 -33.56
CA MET B 161 16.07 -4.83 -32.90
C MET B 161 15.58 -5.42 -31.59
N ASP B 162 16.36 -6.34 -31.01
CA ASP B 162 15.97 -6.94 -29.74
C ASP B 162 16.03 -5.91 -28.63
N PRO B 163 15.26 -6.11 -27.55
CA PRO B 163 15.29 -5.17 -26.45
C PRO B 163 16.70 -5.20 -25.88
N ILE B 164 17.18 -4.07 -25.40
CA ILE B 164 18.54 -3.98 -24.88
C ILE B 164 18.52 -3.19 -23.57
N LEU B 165 19.43 -3.51 -22.65
CA LEU B 165 19.49 -2.84 -21.35
C LEU B 165 20.31 -1.54 -21.32
N THR B 166 21.24 -1.39 -22.27
CA THR B 166 22.08 -0.19 -22.30
C THR B 166 21.38 1.03 -22.89
N THR B 167 21.95 2.21 -22.66
CA THR B 167 21.39 3.44 -23.21
C THR B 167 22.05 3.68 -24.56
N SER B 168 22.48 2.59 -25.20
CA SER B 168 23.14 2.60 -26.50
C SER B 168 22.90 1.30 -27.25
N VAL B 169 23.29 1.28 -28.52
CA VAL B 169 23.14 0.09 -29.32
C VAL B 169 23.72 0.31 -30.70
N PRO B 170 24.63 -0.59 -31.11
CA PRO B 170 25.24 -0.47 -32.44
C PRO B 170 24.26 -0.96 -33.50
N VAL B 171 24.25 -0.31 -34.65
CA VAL B 171 23.36 -0.71 -35.75
C VAL B 171 24.23 -1.04 -36.95
N TYR B 172 24.32 -2.33 -37.28
CA TYR B 172 25.19 -2.78 -38.38
C TYR B 172 24.63 -2.86 -39.81
N SER B 173 25.50 -2.52 -40.75
CA SER B 173 25.21 -2.58 -42.18
C SER B 173 24.23 -1.55 -42.72
N LEU B 174 24.38 -0.30 -42.32
CA LEU B 174 23.50 0.72 -42.86
C LEU B 174 24.04 1.12 -44.22
N LYS B 175 23.23 0.89 -45.25
CA LYS B 175 23.63 1.24 -46.60
C LYS B 175 23.84 2.76 -46.65
N VAL B 176 25.06 3.17 -46.99
CA VAL B 176 25.44 4.59 -47.05
C VAL B 176 24.58 5.41 -47.98
N ASP B 177 24.27 4.82 -49.14
CA ASP B 177 23.44 5.46 -50.14
C ASP B 177 21.98 5.28 -49.71
N LYS B 178 21.60 5.96 -48.62
CA LYS B 178 20.25 5.89 -48.05
C LYS B 178 20.07 6.83 -46.85
N GLU B 179 18.81 7.15 -46.57
CA GLU B 179 18.43 8.01 -45.45
C GLU B 179 17.74 7.09 -44.44
N TYR B 180 18.05 7.23 -43.16
CA TYR B 180 17.44 6.37 -42.16
C TYR B 180 16.64 7.03 -41.04
N GLU B 181 15.55 6.38 -40.67
CA GLU B 181 14.69 6.84 -39.59
C GLU B 181 15.02 6.01 -38.36
N VAL B 182 14.97 6.63 -37.19
CA VAL B 182 15.26 5.93 -35.94
C VAL B 182 14.35 6.39 -34.82
N ARG B 183 13.92 5.42 -34.02
CA ARG B 183 13.03 5.66 -32.88
C ARG B 183 13.24 4.55 -31.84
N VAL B 184 13.15 4.91 -30.57
CA VAL B 184 13.32 3.93 -29.50
C VAL B 184 12.17 4.06 -28.51
N ARG B 185 11.58 2.94 -28.11
CA ARG B 185 10.49 2.95 -27.14
C ARG B 185 10.99 2.23 -25.90
N SER B 186 10.56 2.67 -24.73
CA SER B 186 10.99 2.04 -23.48
C SER B 186 10.02 0.96 -23.01
N LYS B 187 10.46 0.17 -22.04
CA LYS B 187 9.63 -0.90 -21.51
C LYS B 187 10.30 -1.43 -20.25
N GLN B 188 9.50 -1.88 -19.29
CA GLN B 188 10.10 -2.44 -18.09
C GLN B 188 10.58 -3.85 -18.43
N ARG B 189 11.74 -4.24 -17.90
CA ARG B 189 12.26 -5.57 -18.16
C ARG B 189 11.42 -6.59 -17.37
N ASN B 190 11.12 -7.71 -18.01
CA ASN B 190 10.33 -8.79 -17.43
C ASN B 190 8.83 -8.62 -17.60
N SER B 191 8.33 -7.40 -17.69
CA SER B 191 6.88 -7.25 -17.84
C SER B 191 6.45 -6.03 -18.61
N GLY B 192 5.20 -5.61 -18.37
CA GLY B 192 4.65 -4.44 -19.02
C GLY B 192 4.67 -4.44 -20.54
N ASN B 193 4.04 -3.41 -21.09
CA ASN B 193 3.99 -3.22 -22.52
C ASN B 193 4.96 -2.09 -22.79
N TYR B 194 5.20 -1.76 -24.05
CA TYR B 194 6.10 -0.67 -24.37
C TYR B 194 5.33 0.63 -24.22
N GLY B 195 6.05 1.74 -24.19
CA GLY B 195 5.41 3.03 -24.08
C GLY B 195 5.48 3.68 -25.43
N GLU B 196 5.26 5.00 -25.47
CA GLU B 196 5.32 5.74 -26.73
C GLU B 196 6.72 5.75 -27.31
N PHE B 197 6.82 5.93 -28.62
CA PHE B 197 8.12 5.99 -29.29
C PHE B 197 8.72 7.34 -28.99
N SER B 198 10.04 7.42 -29.07
CA SER B 198 10.75 8.67 -28.81
C SER B 198 10.63 9.56 -30.03
N GLU B 199 11.32 10.70 -29.97
CA GLU B 199 11.31 11.62 -31.10
C GLU B 199 12.10 10.88 -32.17
N VAL B 200 11.65 10.95 -33.41
CA VAL B 200 12.37 10.28 -34.48
C VAL B 200 13.72 10.95 -34.67
N LEU B 201 14.72 10.13 -34.97
CA LEU B 201 16.08 10.61 -35.18
C LEU B 201 16.49 10.24 -36.62
N TYR B 202 16.81 11.24 -37.41
CA TYR B 202 17.21 11.02 -38.80
C TYR B 202 18.73 10.80 -38.91
N VAL B 203 19.09 9.76 -39.63
CA VAL B 203 20.50 9.41 -39.83
C VAL B 203 20.87 9.62 -41.29
N THR B 204 21.59 10.71 -41.56
CA THR B 204 22.01 10.99 -42.93
C THR B 204 23.49 10.65 -43.11
N LEU B 205 23.75 9.44 -43.61
CA LEU B 205 25.10 8.97 -43.85
C LEU B 205 25.72 9.71 -45.04
#